data_8B7S
#
_entry.id   8B7S
#
_cell.length_a   74.623
_cell.length_b   43.806
_cell.length_c   164.698
_cell.angle_alpha   90.000
_cell.angle_beta   91.060
_cell.angle_gamma   90.000
#
_symmetry.space_group_name_H-M   'I 1 2 1'
#
loop_
_entity.id
_entity.type
_entity.pdbx_description
1 polymer 'Chloramphenicol-inactivating oxidoreductase'
2 non-polymer 'FLAVIN-ADENINE DINUCLEOTIDE'
3 water water
#
_entity_poly.entity_id   1
_entity_poly.type   'polypeptide(L)'
_entity_poly.pdbx_seq_one_letter_code
;GAMGSKQFDYIIIGGGSAGAVVANRLSEDSGTSVLLLEAGGSDMHPFTRIPAGSALAIASPKFNWMYDVEPDPSRDGRVD
IWPAGKVLGGGSSINGMMFVRGNAWDYDLWAQKGATGWDYAGVLPYFRKMESYALGSDDWRGGQGPQHVDRTRVPNELTD
LWVKSAEKIGIRRNDDLNGASQEGVGYCDASQKDGWRHSTAQAYIRGIKGKRANFTLELKAFVERIIIEGGRAVGVRYSK
NGRGMEVRARKGVVLSAGAIASPKLLLLSGIGPAEELAQHEIPMVVDSPDVGANLQEHPAVIMSFHVNKPSLGANRNPVS
DLLHGMNFIFRGRGPLTTGIGHAQALVKTDDRYAAPNVQLIISPFSYDFDERGPKLYNKPSVGLAVGLARPESRGTVRLK
SADPKDKPLINYPLLGEQSEVDQMVAGCRILRKIAHAEPFRDVLVDERLPGAEVESDAELERYIRQFAFPMYHVSCSCRM
GSDPASVVDPELRVRGVSGLWVVDASVMPTLPAGNINASAIMIGERGADLIKQQAKTPETVQ
;
_entity_poly.pdbx_strand_id   A
#
# COMPACT_ATOMS: atom_id res chain seq x y z
N GLY A 4 18.42 -25.56 -11.48
CA GLY A 4 18.13 -24.51 -12.43
C GLY A 4 17.88 -25.03 -13.84
N SER A 5 17.43 -26.28 -13.93
CA SER A 5 17.17 -26.88 -15.23
C SER A 5 16.18 -26.04 -16.04
N LYS A 6 15.16 -25.51 -15.39
CA LYS A 6 14.18 -24.67 -16.07
C LYS A 6 14.71 -23.25 -16.20
N GLN A 7 14.55 -22.67 -17.39
CA GLN A 7 15.03 -21.32 -17.65
C GLN A 7 13.95 -20.48 -18.30
N PHE A 8 13.69 -19.31 -17.74
CA PHE A 8 12.70 -18.38 -18.26
C PHE A 8 13.37 -17.03 -18.50
N ASP A 9 12.73 -16.20 -19.31
CA ASP A 9 13.22 -14.84 -19.51
C ASP A 9 13.07 -14.04 -18.21
N TYR A 10 11.88 -14.02 -17.62
CA TYR A 10 11.64 -13.30 -16.38
C TYR A 10 11.01 -14.22 -15.35
N ILE A 11 11.44 -14.05 -14.10
CA ILE A 11 10.80 -14.69 -12.95
C ILE A 11 10.21 -13.58 -12.09
N ILE A 12 8.94 -13.71 -11.75
CA ILE A 12 8.24 -12.70 -10.95
C ILE A 12 7.92 -13.34 -9.60
N ILE A 13 8.37 -12.69 -8.54
CA ILE A 13 8.18 -13.17 -7.17
C ILE A 13 6.98 -12.42 -6.59
N GLY A 14 5.88 -13.13 -6.39
CA GLY A 14 4.70 -12.53 -5.80
C GLY A 14 3.61 -12.27 -6.80
N GLY A 15 2.46 -12.93 -6.64
CA GLY A 15 1.38 -12.74 -7.57
C GLY A 15 0.23 -11.94 -6.98
N GLY A 16 0.54 -10.85 -6.30
CA GLY A 16 -0.47 -9.97 -5.76
C GLY A 16 -0.87 -8.90 -6.75
N SER A 17 -1.17 -7.71 -6.21
CA SER A 17 -1.72 -6.65 -7.05
C SER A 17 -0.76 -6.24 -8.15
N ALA A 18 0.49 -5.94 -7.78
CA ALA A 18 1.44 -5.51 -8.80
C ALA A 18 1.98 -6.69 -9.60
N GLY A 19 2.34 -7.77 -8.92
CA GLY A 19 2.99 -8.89 -9.59
C GLY A 19 2.11 -9.55 -10.65
N ALA A 20 0.80 -9.63 -10.39
CA ALA A 20 -0.11 -10.18 -11.40
C ALA A 20 -0.17 -9.30 -12.64
N VAL A 21 -0.08 -7.98 -12.47
CA VAL A 21 -0.05 -7.09 -13.61
C VAL A 21 1.22 -7.29 -14.43
N VAL A 22 2.37 -7.33 -13.74
CA VAL A 22 3.63 -7.53 -14.44
C VAL A 22 3.60 -8.82 -15.24
N ALA A 23 3.12 -9.90 -14.61
CA ALA A 23 3.05 -11.19 -15.30
C ALA A 23 2.18 -11.10 -16.54
N ASN A 24 1.03 -10.47 -16.42
CA ASN A 24 0.13 -10.32 -17.56
C ASN A 24 0.79 -9.52 -18.66
N ARG A 25 1.42 -8.38 -18.31
CA ARG A 25 1.92 -7.47 -19.33
C ARG A 25 3.20 -7.96 -19.98
N LEU A 26 4.10 -8.57 -19.19
CA LEU A 26 5.35 -9.04 -19.77
C LEU A 26 5.15 -10.24 -20.67
N SER A 27 4.12 -11.06 -20.41
CA SER A 27 3.86 -12.22 -21.26
C SER A 27 3.00 -11.87 -22.47
N GLU A 28 2.70 -10.59 -22.68
CA GLU A 28 2.03 -10.15 -23.90
C GLU A 28 2.91 -10.39 -25.13
N ASP A 29 4.22 -10.43 -24.96
CA ASP A 29 5.15 -10.66 -26.04
C ASP A 29 5.37 -12.17 -26.18
N SER A 30 4.93 -12.71 -27.33
CA SER A 30 4.94 -14.16 -27.53
C SER A 30 6.29 -14.77 -27.21
N GLY A 31 7.38 -14.12 -27.63
CA GLY A 31 8.70 -14.66 -27.45
C GLY A 31 9.33 -14.40 -26.11
N THR A 32 8.56 -13.95 -25.12
CA THR A 32 9.06 -13.68 -23.77
C THR A 32 8.39 -14.68 -22.83
N SER A 33 9.18 -15.57 -22.25
CA SER A 33 8.67 -16.55 -21.29
C SER A 33 8.68 -15.95 -19.90
N VAL A 34 7.64 -16.25 -19.13
CA VAL A 34 7.41 -15.62 -17.83
C VAL A 34 7.01 -16.70 -16.85
N LEU A 35 7.67 -16.72 -15.70
CA LEU A 35 7.32 -17.61 -14.59
C LEU A 35 6.87 -16.75 -13.42
N LEU A 36 5.72 -17.08 -12.84
CA LEU A 36 5.22 -16.36 -11.68
C LEU A 36 5.20 -17.29 -10.48
N LEU A 37 5.89 -16.89 -9.41
CA LEU A 37 5.96 -17.67 -8.19
C LEU A 37 5.15 -16.98 -7.10
N GLU A 38 4.20 -17.72 -6.52
CA GLU A 38 3.29 -17.21 -5.50
C GLU A 38 3.28 -18.17 -4.34
N ALA A 39 3.50 -17.65 -3.13
CA ALA A 39 3.51 -18.51 -1.94
C ALA A 39 2.14 -19.08 -1.64
N GLY A 40 1.07 -18.36 -1.99
CA GLY A 40 -0.27 -18.80 -1.72
C GLY A 40 -0.82 -19.72 -2.79
N GLY A 41 -2.10 -20.07 -2.63
CA GLY A 41 -2.85 -20.80 -3.63
C GLY A 41 -3.86 -19.92 -4.35
N SER A 42 -4.79 -20.57 -5.04
CA SER A 42 -5.85 -19.86 -5.75
C SER A 42 -7.09 -19.72 -4.86
N ASP A 43 -8.05 -18.95 -5.35
CA ASP A 43 -9.32 -18.76 -4.65
C ASP A 43 -9.09 -18.13 -3.27
N ALA A 59 -7.93 -12.63 8.57
CA ALA A 59 -8.59 -13.82 8.02
C ALA A 59 -8.02 -15.08 8.69
N SER A 60 -7.36 -15.94 7.91
CA SER A 60 -6.83 -17.19 8.41
C SER A 60 -5.50 -17.48 7.74
N PRO A 61 -4.64 -18.29 8.37
CA PRO A 61 -3.29 -18.50 7.82
C PRO A 61 -3.28 -19.06 6.41
N LYS A 62 -4.37 -19.66 5.94
CA LYS A 62 -4.38 -20.21 4.60
C LYS A 62 -4.27 -19.11 3.54
N PHE A 63 -4.91 -17.97 3.78
CA PHE A 63 -4.94 -16.89 2.80
C PHE A 63 -4.55 -15.55 3.43
N ASN A 64 -3.78 -15.60 4.53
CA ASN A 64 -3.33 -14.41 5.23
C ASN A 64 -1.97 -14.71 5.85
N TRP A 65 -1.02 -13.78 5.69
CA TRP A 65 0.31 -13.99 6.24
C TRP A 65 0.33 -13.82 7.76
N MET A 66 -0.55 -12.97 8.29
CA MET A 66 -0.55 -12.67 9.72
C MET A 66 0.85 -12.35 10.22
N TYR A 67 1.34 -11.20 9.76
CA TYR A 67 2.65 -10.71 10.19
C TYR A 67 2.54 -10.01 11.54
N ASP A 68 3.29 -10.49 12.52
CA ASP A 68 3.34 -9.85 13.83
C ASP A 68 4.16 -8.58 13.78
N VAL A 69 3.75 -7.58 14.55
CA VAL A 69 4.44 -6.31 14.63
C VAL A 69 4.94 -6.14 16.06
N GLU A 70 6.17 -5.63 16.19
CA GLU A 70 6.80 -5.51 17.50
C GLU A 70 5.99 -4.57 18.38
N PRO A 71 6.15 -4.67 19.70
CA PRO A 71 5.38 -3.81 20.61
C PRO A 71 5.55 -2.35 20.22
N ASP A 72 4.46 -1.61 20.27
CA ASP A 72 4.43 -0.25 19.78
C ASP A 72 4.54 0.71 20.95
N PRO A 73 5.67 1.41 21.13
CA PRO A 73 5.76 2.34 22.26
C PRO A 73 4.78 3.50 22.17
N SER A 74 4.33 3.87 20.97
CA SER A 74 3.31 4.90 20.85
C SER A 74 1.95 4.44 21.38
N ARG A 75 1.80 3.15 21.66
CA ARG A 75 0.56 2.60 22.19
C ARG A 75 0.86 1.59 23.30
N ASP A 76 1.67 2.02 24.27
CA ASP A 76 1.97 1.22 25.46
C ASP A 76 2.37 -0.21 25.10
N GLY A 77 3.23 -0.35 24.11
CA GLY A 77 3.70 -1.66 23.72
C GLY A 77 2.67 -2.55 23.06
N ARG A 78 1.54 -2.00 22.63
CA ARG A 78 0.54 -2.79 21.92
C ARG A 78 1.20 -3.49 20.74
N VAL A 79 0.84 -4.76 20.56
CA VAL A 79 1.35 -5.58 19.46
C VAL A 79 0.18 -5.87 18.52
N ASP A 80 0.28 -5.40 17.28
CA ASP A 80 -0.73 -5.66 16.28
C ASP A 80 -0.30 -6.80 15.36
N ILE A 81 -1.28 -7.33 14.64
CA ILE A 81 -1.05 -8.34 13.61
C ILE A 81 -1.47 -7.71 12.30
N TRP A 82 -0.54 -7.60 11.37
CA TRP A 82 -0.83 -7.05 10.05
C TRP A 82 -1.21 -8.16 9.11
N PRO A 83 -2.45 -8.22 8.63
CA PRO A 83 -2.77 -9.18 7.58
C PRO A 83 -2.16 -8.74 6.27
N ALA A 84 -1.90 -9.71 5.40
CA ALA A 84 -1.40 -9.45 4.08
C ALA A 84 -1.84 -10.61 3.21
N GLY A 85 -2.26 -10.31 1.99
CA GLY A 85 -2.78 -11.33 1.11
C GLY A 85 -1.78 -12.44 0.88
N LYS A 86 -2.23 -13.69 1.05
CA LYS A 86 -1.42 -14.86 0.71
C LYS A 86 -2.27 -15.72 -0.23
N VAL A 87 -2.51 -15.18 -1.42
CA VAL A 87 -3.47 -15.73 -2.38
C VAL A 87 -3.21 -15.07 -3.72
N LEU A 88 -3.26 -15.86 -4.79
CA LEU A 88 -3.03 -15.30 -6.12
C LEU A 88 -4.02 -14.17 -6.39
N GLY A 89 -3.50 -13.08 -6.95
CA GLY A 89 -4.31 -11.90 -7.17
C GLY A 89 -4.51 -11.13 -5.89
N GLY A 90 -5.42 -11.60 -5.06
CA GLY A 90 -5.68 -10.94 -3.80
C GLY A 90 -7.13 -11.14 -3.40
N GLY A 91 -7.64 -10.15 -2.68
CA GLY A 91 -8.96 -10.24 -2.08
C GLY A 91 -9.14 -9.11 -1.08
N SER A 92 -10.24 -9.16 -0.35
CA SER A 92 -10.48 -8.15 0.67
C SER A 92 -10.49 -6.74 0.07
N MET A 98 -13.38 -1.32 -9.17
CA MET A 98 -13.27 -0.27 -8.15
C MET A 98 -13.00 1.07 -8.87
N PHE A 99 -12.72 2.13 -8.12
CA PHE A 99 -12.53 3.50 -8.68
C PHE A 99 -11.22 4.08 -8.12
N VAL A 100 -10.49 4.85 -8.93
CA VAL A 100 -9.18 5.43 -8.50
C VAL A 100 -9.21 6.95 -8.68
N ARG A 101 -9.51 7.69 -7.61
CA ARG A 101 -9.54 9.18 -7.64
C ARG A 101 -8.11 9.68 -7.41
N GLY A 102 -7.33 9.81 -8.48
CA GLY A 102 -5.91 10.19 -8.36
C GLY A 102 -5.71 11.49 -7.61
N ASN A 103 -4.94 11.48 -6.52
CA ASN A 103 -4.58 12.71 -5.79
C ASN A 103 -3.26 13.20 -6.39
N ALA A 104 -3.28 14.27 -7.18
CA ALA A 104 -2.09 14.71 -7.89
C ALA A 104 -1.00 15.20 -6.95
N TRP A 105 -1.38 15.72 -5.79
CA TRP A 105 -0.37 16.17 -4.83
C TRP A 105 0.53 15.02 -4.43
N ASP A 106 -0.03 13.80 -4.30
CA ASP A 106 0.75 12.67 -3.82
C ASP A 106 1.79 12.23 -4.85
N TYR A 107 1.39 12.11 -6.11
CA TYR A 107 2.31 11.66 -7.14
C TYR A 107 3.31 12.75 -7.50
N ASP A 108 2.91 14.02 -7.44
CA ASP A 108 3.87 15.08 -7.64
C ASP A 108 4.90 15.10 -6.51
N LEU A 109 4.48 14.74 -5.30
CA LEU A 109 5.43 14.62 -4.20
C LEU A 109 6.43 13.50 -4.46
N TRP A 110 5.99 12.40 -5.07
CA TRP A 110 6.92 11.33 -5.42
C TRP A 110 8.04 11.86 -6.32
N ALA A 111 7.66 12.58 -7.38
CA ALA A 111 8.65 13.13 -8.29
C ALA A 111 9.54 14.15 -7.61
N GLN A 112 8.98 14.91 -6.67
CA GLN A 112 9.77 15.87 -5.91
C GLN A 112 10.83 15.18 -5.06
N LYS A 113 10.58 13.94 -4.64
CA LYS A 113 11.55 13.18 -3.87
C LYS A 113 12.40 12.24 -4.73
N GLY A 114 12.45 12.49 -6.04
CA GLY A 114 13.41 11.83 -6.90
C GLY A 114 12.82 10.79 -7.83
N ALA A 115 11.55 10.44 -7.70
CA ALA A 115 10.95 9.43 -8.57
C ALA A 115 10.64 10.07 -9.92
N THR A 116 11.71 10.38 -10.65
CA THR A 116 11.59 11.01 -11.96
C THR A 116 10.62 10.23 -12.84
N GLY A 117 9.68 10.94 -13.43
CA GLY A 117 8.71 10.34 -14.31
C GLY A 117 7.46 9.82 -13.63
N TRP A 118 7.43 9.78 -12.30
CA TRP A 118 6.28 9.27 -11.55
C TRP A 118 5.43 10.40 -10.98
N ASP A 119 5.49 11.58 -11.60
CA ASP A 119 4.62 12.65 -11.19
C ASP A 119 3.20 12.36 -11.66
N TYR A 120 2.28 13.24 -11.29
CA TYR A 120 0.88 13.02 -11.63
C TYR A 120 0.70 12.86 -13.14
N ALA A 121 1.34 13.73 -13.93
CA ALA A 121 1.28 13.58 -15.38
C ALA A 121 1.85 12.25 -15.83
N GLY A 122 2.77 11.66 -15.04
CA GLY A 122 3.40 10.43 -15.45
C GLY A 122 2.59 9.18 -15.17
N VAL A 123 1.79 9.19 -14.10
CA VAL A 123 1.02 8.01 -13.75
C VAL A 123 -0.38 8.02 -14.36
N LEU A 124 -0.86 9.20 -14.76
CA LEU A 124 -2.21 9.30 -15.30
C LEU A 124 -2.44 8.42 -16.53
N PRO A 125 -1.50 8.26 -17.45
CA PRO A 125 -1.74 7.35 -18.58
C PRO A 125 -1.95 5.92 -18.13
N TYR A 126 -1.28 5.50 -17.05
CA TYR A 126 -1.40 4.13 -16.56
C TYR A 126 -2.67 3.91 -15.75
N PHE A 127 -3.21 4.96 -15.13
CA PHE A 127 -4.57 4.83 -14.58
C PHE A 127 -5.59 4.70 -15.70
N ARG A 128 -5.34 5.33 -16.84
CA ARG A 128 -6.25 5.19 -17.98
C ARG A 128 -6.11 3.80 -18.59
N LYS A 129 -4.89 3.31 -18.74
CA LYS A 129 -4.68 1.95 -19.24
C LYS A 129 -5.40 0.95 -18.36
N MET A 130 -5.39 1.17 -17.04
CA MET A 130 -6.14 0.31 -16.12
C MET A 130 -7.64 0.34 -16.40
N GLU A 131 -8.16 1.52 -16.76
CA GLU A 131 -9.57 1.64 -17.10
C GLU A 131 -9.88 0.88 -18.38
N SER A 132 -9.03 1.05 -19.40
CA SER A 132 -9.18 0.26 -20.62
C SER A 132 -9.28 -1.23 -20.31
N TYR A 133 -8.45 -1.71 -19.38
CA TYR A 133 -8.41 -3.15 -19.11
C TYR A 133 -9.70 -3.62 -18.46
N ALA A 134 -10.26 -2.81 -17.56
CA ALA A 134 -11.53 -3.14 -16.94
C ALA A 134 -12.68 -3.15 -17.95
N LEU A 135 -12.39 -2.79 -19.21
CA LEU A 135 -13.38 -2.92 -20.29
C LEU A 135 -14.53 -1.95 -20.09
N ASN A 156 -27.71 6.28 2.73
CA ASN A 156 -28.02 7.24 1.63
C ASN A 156 -28.57 8.53 2.24
N GLU A 157 -29.70 8.47 2.93
CA GLU A 157 -30.30 9.65 3.60
C GLU A 157 -29.36 10.09 4.73
N LEU A 158 -28.80 9.14 5.48
CA LEU A 158 -27.85 9.44 6.59
C LEU A 158 -26.56 10.00 5.97
N THR A 159 -26.12 9.44 4.85
CA THR A 159 -24.88 9.90 4.15
C THR A 159 -25.16 11.31 3.61
N ASP A 160 -26.37 11.53 3.05
CA ASP A 160 -26.77 12.86 2.55
C ASP A 160 -26.80 13.83 3.73
N LEU A 161 -27.36 13.39 4.86
CA LEU A 161 -27.45 14.23 6.08
C LEU A 161 -26.03 14.59 6.53
N TRP A 162 -25.12 13.62 6.58
CA TRP A 162 -23.72 13.86 7.03
C TRP A 162 -23.05 14.87 6.11
N VAL A 163 -23.20 14.72 4.79
CA VAL A 163 -22.54 15.62 3.79
C VAL A 163 -23.11 17.02 3.96
N LYS A 164 -24.42 17.15 4.19
CA LYS A 164 -25.08 18.47 4.38
C LYS A 164 -24.51 19.15 5.62
N SER A 165 -24.32 18.40 6.71
CA SER A 165 -23.77 18.96 7.95
C SER A 165 -22.33 19.43 7.76
N ALA A 166 -21.52 18.65 7.05
CA ALA A 166 -20.15 19.06 6.75
C ALA A 166 -20.14 20.40 6.01
N GLU A 167 -21.04 20.57 5.05
CA GLU A 167 -21.09 21.83 4.31
C GLU A 167 -21.45 22.98 5.25
N LYS A 168 -22.39 22.76 6.18
CA LYS A 168 -22.80 23.83 7.07
C LYS A 168 -21.66 24.28 7.97
N ILE A 169 -20.87 23.33 8.49
CA ILE A 169 -19.75 23.70 9.35
C ILE A 169 -18.66 24.41 8.56
N GLY A 170 -18.72 24.38 7.23
CA GLY A 170 -17.79 25.15 6.42
C GLY A 170 -16.88 24.33 5.55
N ILE A 171 -17.08 23.00 5.52
CA ILE A 171 -16.28 22.13 4.67
C ILE A 171 -16.79 22.28 3.25
N ARG A 172 -15.97 22.86 2.37
CA ARG A 172 -16.39 23.07 0.99
C ARG A 172 -16.68 21.72 0.33
N ARG A 173 -17.68 21.73 -0.55
CA ARG A 173 -18.03 20.53 -1.31
C ARG A 173 -17.03 20.33 -2.45
N ASN A 174 -16.52 19.11 -2.58
CA ASN A 174 -15.49 18.79 -3.61
C ASN A 174 -16.14 18.87 -5.00
N ASP A 175 -15.47 19.55 -5.93
CA ASP A 175 -15.96 19.68 -7.30
C ASP A 175 -14.77 19.96 -8.22
N ASP A 176 -15.08 20.30 -9.48
CA ASP A 176 -14.06 20.39 -10.51
C ASP A 176 -13.06 21.49 -10.24
N LEU A 177 -13.47 22.57 -9.57
CA LEU A 177 -12.54 23.67 -9.31
C LEU A 177 -11.38 23.25 -8.41
N ASN A 178 -11.49 22.11 -7.73
CA ASN A 178 -10.41 21.64 -6.86
C ASN A 178 -9.26 21.00 -7.64
N GLY A 179 -9.51 20.59 -8.89
CA GLY A 179 -8.50 19.91 -9.68
C GLY A 179 -8.43 18.43 -9.41
N ALA A 180 -7.21 17.89 -9.31
CA ALA A 180 -6.99 16.49 -8.97
C ALA A 180 -6.70 16.33 -7.49
N SER A 181 -7.42 17.06 -6.66
CA SER A 181 -7.44 16.82 -5.23
C SER A 181 -8.86 16.43 -4.83
N GLN A 182 -8.98 15.74 -3.71
CA GLN A 182 -10.31 15.34 -3.19
C GLN A 182 -10.62 16.22 -1.99
N GLU A 183 -9.93 17.36 -1.84
CA GLU A 183 -10.20 18.29 -0.75
C GLU A 183 -11.67 18.69 -0.76
N GLY A 184 -12.25 18.72 0.43
CA GLY A 184 -13.66 18.95 0.60
C GLY A 184 -14.40 17.68 0.91
N VAL A 185 -15.73 17.78 0.90
CA VAL A 185 -16.61 16.68 1.24
C VAL A 185 -17.35 16.24 -0.01
N GLY A 186 -17.38 14.94 -0.26
CA GLY A 186 -18.06 14.39 -1.43
C GLY A 186 -18.50 12.98 -1.16
N TYR A 187 -19.28 12.40 -2.07
CA TYR A 187 -19.77 11.00 -1.95
C TYR A 187 -18.77 10.06 -2.61
N CYS A 188 -18.35 9.00 -1.92
CA CYS A 188 -17.43 8.02 -2.44
C CYS A 188 -18.00 7.23 -3.62
N ASP A 189 -19.28 6.86 -3.52
CA ASP A 189 -19.93 6.10 -4.58
C ASP A 189 -20.46 7.04 -5.64
N ALA A 190 -19.55 7.57 -6.45
CA ALA A 190 -19.89 8.50 -7.51
C ALA A 190 -18.77 8.52 -8.53
N SER A 191 -19.01 9.13 -9.68
CA SER A 191 -17.99 9.23 -10.70
C SER A 191 -17.51 10.69 -10.73
N GLN A 192 -16.22 10.90 -10.52
CA GLN A 192 -15.62 12.26 -10.50
C GLN A 192 -14.76 12.48 -11.73
N LYS A 193 -14.58 13.74 -12.15
CA LYS A 193 -13.74 14.11 -13.28
C LYS A 193 -12.26 13.78 -13.08
N ASP A 194 -11.85 13.59 -11.83
CA ASP A 194 -10.43 13.30 -11.48
C ASP A 194 -10.28 11.83 -11.11
N GLY A 195 -11.29 11.00 -11.40
CA GLY A 195 -11.26 9.58 -11.02
C GLY A 195 -11.39 8.66 -12.23
N TRP A 196 -10.93 7.42 -12.10
CA TRP A 196 -11.01 6.42 -13.17
C TRP A 196 -11.55 5.12 -12.61
N ARG A 197 -11.69 4.12 -13.50
CA ARG A 197 -12.05 2.77 -13.12
C ARG A 197 -10.85 1.85 -13.34
N HIS A 198 -10.77 0.81 -12.52
CA HIS A 198 -9.68 -0.15 -12.64
C HIS A 198 -10.17 -1.55 -12.28
N SER A 199 -9.34 -2.54 -12.59
CA SER A 199 -9.64 -3.94 -12.34
C SER A 199 -8.82 -4.46 -11.17
N THR A 200 -9.25 -5.62 -10.67
CA THR A 200 -8.49 -6.36 -9.67
C THR A 200 -7.37 -7.14 -10.35
N ALA A 201 -6.40 -7.56 -9.55
CA ALA A 201 -5.33 -8.40 -10.09
C ALA A 201 -5.85 -9.74 -10.58
N GLN A 202 -6.97 -10.22 -10.02
CA GLN A 202 -7.51 -11.48 -10.49
C GLN A 202 -8.03 -11.39 -11.91
N ALA A 203 -8.28 -10.18 -12.41
CA ALA A 203 -8.61 -10.02 -13.82
C ALA A 203 -7.37 -10.13 -14.69
N TYR A 204 -6.21 -9.73 -14.16
CA TYR A 204 -4.97 -9.85 -14.93
C TYR A 204 -4.53 -11.31 -15.05
N ILE A 205 -4.82 -12.13 -14.04
CA ILE A 205 -4.39 -13.52 -14.08
C ILE A 205 -5.36 -14.37 -14.88
N ARG A 206 -6.66 -14.07 -14.82
CA ARG A 206 -7.65 -14.87 -15.51
C ARG A 206 -7.46 -14.88 -17.01
N GLY A 207 -6.86 -13.83 -17.56
CA GLY A 207 -6.67 -13.78 -18.99
C GLY A 207 -5.46 -14.52 -19.54
N ILE A 208 -4.65 -15.14 -18.69
CA ILE A 208 -3.40 -15.73 -19.16
C ILE A 208 -3.20 -17.13 -18.59
N LYS A 209 -3.77 -17.39 -17.42
CA LYS A 209 -3.56 -18.63 -16.70
C LYS A 209 -4.06 -19.82 -17.52
N GLY A 210 -3.14 -20.68 -17.97
CA GLY A 210 -3.51 -21.79 -18.82
C GLY A 210 -3.87 -21.40 -20.24
N LYS A 211 -3.66 -20.15 -20.61
CA LYS A 211 -4.01 -19.66 -21.93
C LYS A 211 -2.80 -19.19 -22.74
N ARG A 212 -1.71 -18.80 -22.08
CA ARG A 212 -0.51 -18.32 -22.75
C ARG A 212 0.61 -19.33 -22.55
N ALA A 213 1.11 -19.89 -23.65
CA ALA A 213 2.16 -20.89 -23.56
C ALA A 213 3.44 -20.32 -22.97
N ASN A 214 3.68 -19.02 -23.14
CA ASN A 214 4.87 -18.39 -22.60
C ASN A 214 4.71 -17.94 -21.16
N PHE A 215 3.61 -18.33 -20.51
CA PHE A 215 3.37 -17.99 -19.11
C PHE A 215 3.23 -19.25 -18.28
N THR A 216 3.95 -19.31 -17.16
CA THR A 216 3.92 -20.45 -16.27
C THR A 216 3.70 -19.94 -14.85
N LEU A 217 2.94 -20.70 -14.07
CA LEU A 217 2.57 -20.30 -12.72
C LEU A 217 2.89 -21.44 -11.76
N GLU A 218 3.54 -21.10 -10.65
CA GLU A 218 3.77 -22.04 -9.56
C GLU A 218 3.15 -21.46 -8.30
N LEU A 219 2.08 -22.09 -7.83
CA LEU A 219 1.47 -21.76 -6.55
C LEU A 219 2.17 -22.53 -5.44
N LYS A 220 1.90 -22.13 -4.19
CA LYS A 220 2.55 -22.74 -3.03
C LYS A 220 4.06 -22.72 -3.16
N ALA A 221 4.61 -21.69 -3.81
CA ALA A 221 6.04 -21.57 -4.04
C ALA A 221 6.58 -20.46 -3.13
N PHE A 222 7.30 -20.85 -2.08
CA PHE A 222 7.81 -19.89 -1.11
C PHE A 222 9.24 -19.52 -1.49
N VAL A 223 9.39 -18.35 -2.08
CA VAL A 223 10.70 -17.88 -2.50
C VAL A 223 11.53 -17.54 -1.27
N GLU A 224 12.75 -18.05 -1.24
CA GLU A 224 13.65 -17.90 -0.11
C GLU A 224 14.81 -16.97 -0.38
N ARG A 225 15.24 -16.84 -1.63
CA ARG A 225 16.47 -16.10 -1.93
C ARG A 225 16.50 -15.78 -3.41
N ILE A 226 17.07 -14.63 -3.73
CA ILE A 226 17.38 -14.25 -5.11
C ILE A 226 18.84 -14.60 -5.36
N ILE A 227 19.10 -15.32 -6.44
CA ILE A 227 20.45 -15.78 -6.76
C ILE A 227 21.12 -14.70 -7.59
N ILE A 228 22.28 -14.23 -7.13
CA ILE A 228 23.00 -13.14 -7.77
C ILE A 228 24.42 -13.63 -8.08
N GLU A 229 24.79 -13.56 -9.36
CA GLU A 229 26.11 -13.97 -9.81
C GLU A 229 26.64 -12.93 -10.79
N GLY A 230 27.86 -12.47 -10.55
CA GLY A 230 28.44 -11.44 -11.39
C GLY A 230 27.63 -10.17 -11.41
N GLY A 231 27.22 -9.71 -10.22
CA GLY A 231 26.42 -8.51 -10.11
C GLY A 231 25.05 -8.58 -10.75
N ARG A 232 24.62 -9.77 -11.14
CA ARG A 232 23.34 -9.92 -11.87
C ARG A 232 22.42 -10.95 -11.20
N ALA A 233 21.13 -10.64 -11.10
CA ALA A 233 20.16 -11.58 -10.57
C ALA A 233 19.85 -12.61 -11.67
N VAL A 234 20.26 -13.85 -11.46
CA VAL A 234 20.14 -14.86 -12.51
C VAL A 234 19.14 -15.94 -12.17
N GLY A 235 18.53 -15.91 -10.99
CA GLY A 235 17.57 -16.93 -10.67
C GLY A 235 17.03 -16.75 -9.26
N VAL A 236 16.29 -17.76 -8.83
CA VAL A 236 15.58 -17.72 -7.56
C VAL A 236 15.58 -19.12 -6.95
N ARG A 237 15.75 -19.18 -5.63
CA ARG A 237 15.57 -20.41 -4.88
C ARG A 237 14.26 -20.34 -4.11
N TYR A 238 13.48 -21.41 -4.16
CA TYR A 238 12.21 -21.46 -3.47
C TYR A 238 11.96 -22.88 -2.99
N SER A 239 11.01 -23.01 -2.08
CA SER A 239 10.59 -24.31 -1.59
C SER A 239 9.12 -24.53 -1.92
N LYS A 240 8.79 -25.76 -2.31
CA LYS A 240 7.42 -26.16 -2.58
C LYS A 240 7.28 -27.63 -2.27
N ASN A 241 6.21 -27.97 -1.54
CA ASN A 241 5.91 -29.36 -1.19
C ASN A 241 7.03 -30.00 -0.39
N GLY A 242 7.72 -29.20 0.43
CA GLY A 242 8.80 -29.70 1.24
C GLY A 242 10.12 -29.88 0.51
N ARG A 243 10.23 -29.41 -0.72
CA ARG A 243 11.42 -29.62 -1.53
C ARG A 243 12.04 -28.29 -1.94
N GLY A 244 13.36 -28.25 -2.01
CA GLY A 244 14.07 -27.04 -2.40
C GLY A 244 14.30 -27.01 -3.90
N MET A 245 13.90 -25.90 -4.52
CA MET A 245 13.94 -25.75 -5.97
C MET A 245 14.75 -24.53 -6.34
N GLU A 246 15.33 -24.56 -7.53
CA GLU A 246 15.96 -23.37 -8.09
C GLU A 246 15.58 -23.26 -9.55
N VAL A 247 15.39 -22.03 -10.01
CA VAL A 247 15.01 -21.77 -11.39
C VAL A 247 15.75 -20.51 -11.84
N ARG A 248 16.02 -20.44 -13.14
CA ARG A 248 16.92 -19.46 -13.72
C ARG A 248 16.17 -18.46 -14.57
N ALA A 249 16.69 -17.24 -14.62
CA ALA A 249 16.12 -16.16 -15.41
C ALA A 249 17.15 -15.66 -16.42
N ARG A 250 16.74 -15.61 -17.70
CA ARG A 250 17.62 -15.09 -18.74
C ARG A 250 17.75 -13.57 -18.64
N LYS A 251 16.62 -12.87 -18.55
CA LYS A 251 16.62 -11.42 -18.55
C LYS A 251 16.59 -10.81 -17.16
N GLY A 252 15.91 -11.42 -16.20
CA GLY A 252 16.02 -10.94 -14.85
C GLY A 252 14.85 -11.36 -13.97
N VAL A 253 14.88 -10.82 -12.77
CA VAL A 253 13.96 -11.19 -11.70
C VAL A 253 13.18 -9.96 -11.29
N VAL A 254 11.87 -10.12 -11.12
CA VAL A 254 11.01 -9.02 -10.70
C VAL A 254 10.51 -9.35 -9.29
N LEU A 255 10.88 -8.53 -8.33
CA LEU A 255 10.46 -8.73 -6.94
C LEU A 255 9.16 -7.96 -6.72
N SER A 256 8.05 -8.67 -6.60
CA SER A 256 6.74 -8.08 -6.41
C SER A 256 6.08 -8.65 -5.15
N ALA A 257 6.86 -8.84 -4.10
CA ALA A 257 6.35 -9.53 -2.92
C ALA A 257 5.65 -8.62 -1.94
N GLY A 258 5.52 -7.33 -2.23
CA GLY A 258 4.88 -6.40 -1.33
C GLY A 258 5.83 -5.79 -0.32
N ALA A 259 5.30 -4.83 0.44
CA ALA A 259 6.13 -3.93 1.23
C ALA A 259 6.73 -4.59 2.46
N ILE A 260 6.24 -5.76 2.85
CA ILE A 260 6.83 -6.50 3.95
C ILE A 260 7.80 -7.56 3.44
N ALA A 261 7.37 -8.37 2.48
CA ALA A 261 8.17 -9.51 2.06
C ALA A 261 9.28 -9.13 1.10
N SER A 262 9.07 -8.09 0.28
CA SER A 262 10.13 -7.66 -0.64
C SER A 262 11.38 -7.21 0.09
N PRO A 263 11.31 -6.32 1.08
CA PRO A 263 12.55 -5.97 1.80
C PRO A 263 13.18 -7.19 2.47
N LYS A 264 12.36 -8.07 3.04
CA LYS A 264 12.89 -9.28 3.64
C LYS A 264 13.66 -10.11 2.62
N LEU A 265 13.11 -10.26 1.42
CA LEU A 265 13.78 -11.07 0.41
C LEU A 265 15.09 -10.43 -0.03
N LEU A 266 15.11 -9.09 -0.14
CA LEU A 266 16.36 -8.41 -0.49
C LEU A 266 17.42 -8.67 0.59
N LEU A 267 17.04 -8.55 1.86
CA LEU A 267 17.98 -8.79 2.94
C LEU A 267 18.53 -10.21 2.89
N LEU A 268 17.66 -11.20 2.72
CA LEU A 268 18.13 -12.58 2.66
C LEU A 268 19.04 -12.82 1.47
N SER A 269 18.94 -11.97 0.44
CA SER A 269 19.77 -12.12 -0.75
C SER A 269 21.06 -11.31 -0.67
N GLY A 270 21.37 -10.72 0.47
CA GLY A 270 22.58 -9.94 0.63
C GLY A 270 22.49 -8.48 0.25
N ILE A 271 21.27 -7.96 0.03
CA ILE A 271 21.07 -6.58 -0.39
C ILE A 271 20.44 -5.83 0.77
N GLY A 272 21.20 -4.94 1.39
CA GLY A 272 20.68 -4.19 2.52
C GLY A 272 21.77 -3.56 3.34
N PRO A 273 21.42 -3.01 4.50
CA PRO A 273 22.41 -2.34 5.35
C PRO A 273 23.47 -3.32 5.83
N ALA A 274 24.73 -2.91 5.77
CA ALA A 274 25.82 -3.81 6.11
C ALA A 274 25.69 -4.32 7.55
N GLU A 275 25.26 -3.45 8.47
CA GLU A 275 25.11 -3.84 9.86
C GLU A 275 24.08 -4.95 10.00
N GLU A 276 22.94 -4.80 9.35
CA GLU A 276 21.90 -5.82 9.39
C GLU A 276 22.41 -7.15 8.85
N LEU A 277 23.08 -7.11 7.69
CA LEU A 277 23.52 -8.35 7.04
C LEU A 277 24.55 -9.09 7.88
N ALA A 278 25.52 -8.36 8.45
CA ALA A 278 26.56 -9.00 9.23
C ALA A 278 25.99 -9.70 10.45
N GLN A 279 25.02 -9.05 11.11
CA GLN A 279 24.43 -9.64 12.31
C GLN A 279 23.93 -11.05 12.06
N HIS A 280 23.26 -11.27 10.93
CA HIS A 280 22.76 -12.59 10.56
C HIS A 280 23.72 -13.36 9.68
N GLU A 281 24.96 -12.88 9.56
CA GLU A 281 26.01 -13.53 8.78
C GLU A 281 25.52 -13.88 7.36
N ILE A 282 24.91 -12.90 6.71
CA ILE A 282 24.52 -13.01 5.31
C ILE A 282 25.57 -12.30 4.48
N PRO A 283 26.24 -12.98 3.54
CA PRO A 283 27.24 -12.28 2.72
C PRO A 283 26.63 -11.08 2.00
N MET A 284 27.28 -9.94 2.14
CA MET A 284 26.77 -8.71 1.55
C MET A 284 27.11 -8.67 0.07
N VAL A 285 26.09 -8.49 -0.76
CA VAL A 285 26.27 -8.27 -2.19
C VAL A 285 26.17 -6.79 -2.53
N VAL A 286 25.27 -6.08 -1.87
CA VAL A 286 25.10 -4.64 -2.06
C VAL A 286 24.86 -4.02 -0.70
N ASP A 287 25.64 -3.00 -0.36
CA ASP A 287 25.36 -2.15 0.80
C ASP A 287 24.26 -1.18 0.38
N SER A 288 23.01 -1.49 0.75
CA SER A 288 21.85 -0.69 0.36
C SER A 288 21.19 -0.18 1.64
N PRO A 289 21.46 1.07 2.05
CA PRO A 289 21.10 1.47 3.42
C PRO A 289 19.62 1.49 3.71
N ASP A 290 18.76 1.62 2.69
CA ASP A 290 17.35 1.91 2.93
C ASP A 290 16.44 0.71 2.68
N VAL A 291 17.00 -0.47 2.41
CA VAL A 291 16.18 -1.66 2.35
C VAL A 291 15.49 -1.86 3.68
N GLY A 292 14.16 -1.90 3.65
CA GLY A 292 13.39 -2.05 4.86
C GLY A 292 13.19 -0.80 5.68
N ALA A 293 13.71 0.34 5.24
CA ALA A 293 13.45 1.61 5.91
C ALA A 293 12.29 2.33 5.23
N ASN A 294 11.85 3.43 5.84
CA ASN A 294 10.83 4.29 5.24
C ASN A 294 9.45 3.64 5.24
N LEU A 295 9.25 2.61 6.07
CA LEU A 295 7.96 1.93 6.14
C LEU A 295 6.88 2.88 6.62
N GLN A 296 5.73 2.87 5.93
CA GLN A 296 4.64 3.79 6.20
C GLN A 296 3.31 3.05 6.21
N GLU A 297 2.41 3.48 7.08
CA GLU A 297 1.08 2.90 7.20
C GLU A 297 0.13 4.02 7.61
N HIS A 298 -1.16 3.83 7.27
CA HIS A 298 -2.20 4.80 7.63
C HIS A 298 -2.82 4.46 8.97
N PRO A 299 -2.83 5.35 9.94
CA PRO A 299 -3.60 5.11 11.17
C PRO A 299 -5.00 5.71 11.10
N ALA A 300 -5.92 5.05 11.80
CA ALA A 300 -7.30 5.52 11.84
C ALA A 300 -7.92 5.16 13.19
N VAL A 301 -9.05 5.80 13.48
CA VAL A 301 -9.78 5.55 14.72
C VAL A 301 -11.26 5.77 14.42
N ILE A 302 -12.11 5.01 15.11
CA ILE A 302 -13.55 5.05 14.87
C ILE A 302 -14.23 5.96 15.88
N MET A 303 -15.21 6.78 15.43
CA MET A 303 -16.14 7.49 16.31
C MET A 303 -17.54 6.86 15.97
N SER A 304 -18.50 6.80 16.90
CA SER A 304 -19.80 6.16 16.59
C SER A 304 -20.98 6.82 17.31
N PHE A 305 -22.14 6.98 16.64
CA PHE A 305 -23.28 7.68 17.20
C PHE A 305 -24.54 6.87 16.99
N HIS A 306 -25.36 6.72 18.03
CA HIS A 306 -26.69 6.19 17.84
C HIS A 306 -27.55 7.23 17.11
N VAL A 307 -28.62 6.76 16.47
CA VAL A 307 -29.54 7.60 15.72
C VAL A 307 -30.92 6.97 15.75
N ASN A 308 -31.91 7.73 15.29
CA ASN A 308 -33.30 7.28 15.21
C ASN A 308 -33.79 7.13 13.78
N LYS A 309 -33.44 8.05 12.90
CA LYS A 309 -33.91 8.01 11.52
C LYS A 309 -32.73 7.96 10.56
N PRO A 335 -15.91 -2.83 5.95
CA PRO A 335 -16.12 -1.86 7.04
C PRO A 335 -15.33 -0.58 6.80
N LEU A 336 -15.10 0.18 7.87
CA LEU A 336 -14.27 1.38 7.81
C LEU A 336 -12.80 1.09 8.04
N THR A 337 -12.44 -0.17 8.34
CA THR A 337 -11.04 -0.48 8.62
C THR A 337 -10.14 -0.11 7.45
N THR A 338 -10.60 -0.33 6.22
CA THR A 338 -9.82 -0.02 5.04
C THR A 338 -10.08 1.39 4.51
N GLY A 339 -11.10 2.07 5.02
CA GLY A 339 -11.29 3.48 4.72
C GLY A 339 -12.00 3.78 3.42
N ILE A 340 -13.17 3.19 3.23
CA ILE A 340 -14.04 3.53 2.11
C ILE A 340 -15.48 3.41 2.59
N GLY A 341 -16.25 4.49 2.42
CA GLY A 341 -17.62 4.53 2.87
C GLY A 341 -18.54 5.14 1.84
N HIS A 342 -19.62 5.76 2.28
CA HIS A 342 -20.54 6.43 1.37
C HIS A 342 -20.14 7.88 1.10
N ALA A 343 -19.38 8.50 2.00
CA ALA A 343 -18.97 9.88 1.84
C ALA A 343 -17.65 10.08 2.58
N GLN A 344 -16.81 10.95 2.05
CA GLN A 344 -15.50 11.25 2.68
C GLN A 344 -15.31 12.76 2.74
N ALA A 345 -14.37 13.22 3.56
CA ALA A 345 -14.05 14.64 3.69
C ALA A 345 -12.55 14.76 3.95
N LEU A 346 -11.81 15.17 2.92
CA LEU A 346 -10.40 15.51 3.07
C LEU A 346 -10.33 16.97 3.50
N VAL A 347 -10.02 17.21 4.77
CA VAL A 347 -10.03 18.55 5.33
C VAL A 347 -8.67 18.84 5.94
N LYS A 348 -8.42 20.13 6.15
CA LYS A 348 -7.22 20.61 6.81
C LYS A 348 -7.54 20.96 8.25
N THR A 349 -6.75 20.43 9.19
CA THR A 349 -6.97 20.73 10.60
C THR A 349 -6.57 22.16 10.93
N ASP A 350 -5.48 22.64 10.30
CA ASP A 350 -5.05 24.02 10.40
C ASP A 350 -4.83 24.57 9.00
N ASP A 351 -4.68 25.87 8.89
CA ASP A 351 -4.31 26.47 7.62
C ASP A 351 -2.80 26.44 7.38
N ARG A 352 -2.04 25.94 8.35
CA ARG A 352 -0.60 25.76 8.20
C ARG A 352 -0.24 24.56 7.33
N TYR A 353 -1.23 23.78 6.94
CA TYR A 353 -1.00 22.62 6.08
C TYR A 353 -1.21 22.99 4.63
N ALA A 354 -0.40 22.40 3.75
CA ALA A 354 -0.48 22.67 2.32
C ALA A 354 -1.48 21.78 1.61
N ALA A 355 -1.83 20.64 2.20
CA ALA A 355 -2.79 19.71 1.64
C ALA A 355 -3.66 19.19 2.78
N PRO A 356 -4.92 18.85 2.50
CA PRO A 356 -5.74 18.24 3.55
C PRO A 356 -5.01 17.08 4.21
N ASN A 357 -4.95 17.11 5.53
CA ASN A 357 -4.14 16.17 6.32
C ASN A 357 -4.97 15.13 7.06
N VAL A 358 -6.29 15.26 7.08
CA VAL A 358 -7.16 14.33 7.79
C VAL A 358 -8.30 13.91 6.88
N GLN A 359 -8.60 12.61 6.87
CA GLN A 359 -9.71 12.06 6.13
C GLN A 359 -10.81 11.64 7.09
N LEU A 360 -12.01 12.16 6.88
CA LEU A 360 -13.20 11.80 7.66
C LEU A 360 -14.13 10.98 6.78
N ILE A 361 -14.55 9.82 7.28
CA ILE A 361 -15.37 8.89 6.50
C ILE A 361 -16.59 8.50 7.31
N ILE A 362 -17.68 8.23 6.60
CA ILE A 362 -18.93 7.77 7.19
C ILE A 362 -19.45 6.60 6.37
N SER A 363 -19.79 5.50 7.04
CA SER A 363 -20.36 4.31 6.40
C SER A 363 -21.56 3.87 7.21
N PRO A 364 -22.71 4.50 7.01
CA PRO A 364 -23.89 4.21 7.85
C PRO A 364 -24.62 2.94 7.42
N PHE A 365 -24.02 1.81 7.78
CA PHE A 365 -24.60 0.51 7.47
C PHE A 365 -24.93 0.37 5.99
N LYS A 379 -29.50 1.27 19.90
CA LYS A 379 -29.57 0.06 19.04
C LYS A 379 -28.97 0.39 17.66
N PRO A 380 -29.66 1.12 16.75
CA PRO A 380 -29.06 1.51 15.47
C PRO A 380 -27.98 2.58 15.66
N SER A 381 -26.83 2.46 14.99
CA SER A 381 -25.71 3.42 15.12
C SER A 381 -25.14 3.78 13.76
N VAL A 382 -24.34 4.85 13.67
CA VAL A 382 -23.66 5.26 12.41
C VAL A 382 -22.16 5.19 12.68
N GLY A 383 -21.38 4.61 11.77
CA GLY A 383 -19.95 4.46 11.94
C GLY A 383 -19.14 5.51 11.19
N LEU A 384 -18.30 6.22 11.94
CA LEU A 384 -17.45 7.27 11.39
C LEU A 384 -16.00 6.96 11.67
N ALA A 385 -15.11 7.47 10.82
CA ALA A 385 -13.68 7.19 10.95
C ALA A 385 -12.87 8.47 10.76
N VAL A 386 -11.82 8.60 11.56
CA VAL A 386 -10.84 9.67 11.44
C VAL A 386 -9.53 9.03 11.00
N GLY A 387 -9.10 9.32 9.79
CA GLY A 387 -7.84 8.78 9.26
C GLY A 387 -6.86 9.90 8.98
N LEU A 388 -5.58 9.60 9.20
CA LEU A 388 -4.51 10.54 8.91
C LEU A 388 -4.03 10.32 7.47
N ALA A 389 -4.21 11.32 6.61
CA ALA A 389 -3.95 11.11 5.18
C ALA A 389 -2.52 10.67 4.91
N ARG A 390 -1.55 11.30 5.59
CA ARG A 390 -0.13 11.10 5.28
C ARG A 390 0.67 10.97 6.56
N PRO A 391 1.06 9.75 6.93
CA PRO A 391 1.74 9.57 8.22
C PRO A 391 3.08 10.29 8.27
N GLU A 392 3.43 10.77 9.46
CA GLU A 392 4.77 11.29 9.68
C GLU A 392 5.70 10.24 10.29
N SER A 393 5.16 9.23 10.96
CA SER A 393 5.99 8.19 11.53
C SER A 393 6.56 7.30 10.42
N ARG A 394 7.66 6.64 10.74
CA ARG A 394 8.31 5.72 9.81
C ARG A 394 8.73 4.47 10.58
N GLY A 395 8.67 3.33 9.90
CA GLY A 395 8.99 2.06 10.52
C GLY A 395 10.08 1.32 9.77
N THR A 396 10.33 0.07 10.17
CA THR A 396 11.41 -0.71 9.59
C THR A 396 10.99 -2.15 9.40
N VAL A 397 11.60 -2.80 8.42
CA VAL A 397 11.47 -4.23 8.20
C VAL A 397 12.86 -4.81 8.23
N ARG A 398 13.08 -5.74 9.16
CA ARG A 398 14.36 -6.43 9.33
C ARG A 398 14.11 -7.92 9.44
N LEU A 399 15.21 -8.68 9.47
CA LEU A 399 15.13 -10.11 9.66
C LEU A 399 15.08 -10.46 11.15
N LYS A 400 14.29 -11.49 11.48
CA LYS A 400 14.42 -12.14 12.78
C LYS A 400 15.65 -13.05 12.83
N SER A 401 16.02 -13.63 11.70
CA SER A 401 17.14 -14.56 11.61
C SER A 401 17.47 -14.71 10.13
N ALA A 402 18.49 -15.50 9.84
CA ALA A 402 18.81 -15.82 8.46
C ALA A 402 17.96 -16.96 7.92
N ASP A 403 17.03 -17.48 8.72
CA ASP A 403 16.15 -18.57 8.30
C ASP A 403 15.03 -18.05 7.42
N PRO A 404 15.02 -18.40 6.13
CA PRO A 404 14.03 -17.78 5.22
C PRO A 404 12.59 -17.96 5.65
N LYS A 405 12.27 -19.05 6.34
CA LYS A 405 10.88 -19.31 6.69
C LYS A 405 10.41 -18.50 7.89
N ASP A 406 11.33 -17.90 8.63
CA ASP A 406 10.95 -17.00 9.71
C ASP A 406 10.27 -15.75 9.16
N LYS A 407 9.32 -15.24 9.91
CA LYS A 407 8.66 -14.02 9.50
C LYS A 407 9.56 -12.81 9.77
N PRO A 408 9.33 -11.71 9.08
CA PRO A 408 10.18 -10.54 9.26
C PRO A 408 9.98 -9.93 10.63
N LEU A 409 11.00 -9.19 11.06
CA LEU A 409 10.90 -8.32 12.23
C LEU A 409 10.40 -6.97 11.74
N ILE A 410 9.20 -6.58 12.22
CA ILE A 410 8.55 -5.35 11.81
C ILE A 410 8.41 -4.43 13.03
N ASN A 411 8.86 -3.20 12.88
CA ASN A 411 8.64 -2.14 13.85
C ASN A 411 7.89 -1.01 13.18
N TYR A 412 6.77 -0.60 13.78
CA TYR A 412 6.07 0.57 13.31
C TYR A 412 5.34 1.24 14.47
N PRO A 413 5.74 2.45 14.86
CA PRO A 413 4.97 3.18 15.89
C PRO A 413 3.78 3.89 15.27
N LEU A 414 2.60 3.28 15.35
CA LEU A 414 1.42 3.79 14.66
C LEU A 414 1.18 5.27 14.96
N LEU A 415 1.53 5.72 16.16
CA LEU A 415 1.35 7.11 16.59
C LEU A 415 2.64 7.67 17.17
N GLY A 416 3.75 7.49 16.44
CA GLY A 416 5.06 7.82 16.98
C GLY A 416 5.34 9.31 17.08
N GLU A 417 4.58 10.13 16.36
CA GLU A 417 4.75 11.57 16.39
C GLU A 417 3.58 12.21 17.11
N GLN A 418 3.88 13.08 18.09
CA GLN A 418 2.81 13.75 18.83
C GLN A 418 1.86 14.49 17.91
N SER A 419 2.37 15.04 16.80
CA SER A 419 1.52 15.78 15.89
C SER A 419 0.53 14.88 15.18
N GLU A 420 0.90 13.61 14.95
CA GLU A 420 -0.07 12.65 14.41
C GLU A 420 -1.27 12.53 15.31
N VAL A 421 -1.05 12.49 16.63
CA VAL A 421 -2.16 12.44 17.57
C VAL A 421 -2.92 13.76 17.56
N ASP A 422 -2.18 14.89 17.60
CA ASP A 422 -2.83 16.19 17.56
C ASP A 422 -3.79 16.29 16.37
N GLN A 423 -3.32 15.91 15.19
CA GLN A 423 -4.17 15.97 14.00
C GLN A 423 -5.37 15.05 14.12
N MET A 424 -5.19 13.87 14.71
CA MET A 424 -6.30 12.94 14.86
C MET A 424 -7.28 13.42 15.92
N VAL A 425 -6.77 14.05 16.98
CA VAL A 425 -7.68 14.69 17.95
C VAL A 425 -8.43 15.83 17.27
N ALA A 426 -7.73 16.64 16.49
CA ALA A 426 -8.40 17.69 15.74
C ALA A 426 -9.43 17.08 14.80
N GLY A 427 -9.10 15.94 14.18
CA GLY A 427 -10.07 15.25 13.36
C GLY A 427 -11.31 14.84 14.13
N CYS A 428 -11.12 14.33 15.35
CA CYS A 428 -12.27 13.91 16.16
C CYS A 428 -13.17 15.09 16.47
N ARG A 429 -12.59 16.26 16.72
CA ARG A 429 -13.41 17.43 17.03
C ARG A 429 -14.22 17.89 15.83
N ILE A 430 -13.67 17.74 14.61
CA ILE A 430 -14.44 18.09 13.43
C ILE A 430 -15.65 17.16 13.29
N LEU A 431 -15.44 15.86 13.49
CA LEU A 431 -16.56 14.92 13.37
C LEU A 431 -17.68 15.26 14.33
N ARG A 432 -17.32 15.83 15.48
CA ARG A 432 -18.29 16.23 16.47
C ARG A 432 -19.05 17.44 15.94
N LYS A 433 -18.33 18.44 15.45
CA LYS A 433 -18.96 19.62 14.86
C LYS A 433 -19.95 19.20 13.78
N ILE A 434 -19.59 18.21 12.97
CA ILE A 434 -20.45 17.77 11.87
C ILE A 434 -21.71 17.12 12.42
N ALA A 435 -21.55 16.20 13.38
CA ALA A 435 -22.71 15.50 13.92
C ALA A 435 -23.63 16.44 14.68
N HIS A 436 -23.08 17.43 15.38
CA HIS A 436 -23.89 18.37 16.14
C HIS A 436 -24.53 19.44 15.29
N ALA A 437 -24.05 19.64 14.06
CA ALA A 437 -24.64 20.65 13.20
C ALA A 437 -25.86 20.11 12.48
N GLU A 438 -26.80 21.01 12.20
CA GLU A 438 -27.97 20.69 11.41
C GLU A 438 -27.53 20.29 9.99
N PRO A 439 -28.22 19.34 9.35
CA PRO A 439 -29.39 18.53 9.72
C PRO A 439 -29.06 17.18 10.34
N PHE A 440 -27.79 16.79 10.34
CA PHE A 440 -27.43 15.50 10.92
C PHE A 440 -27.75 15.45 12.41
N ARG A 441 -27.57 16.58 13.09
CA ARG A 441 -27.94 16.66 14.51
C ARG A 441 -29.41 16.34 14.72
N ASP A 442 -30.24 16.55 13.69
CA ASP A 442 -31.68 16.27 13.80
C ASP A 442 -31.99 14.78 13.77
N VAL A 443 -30.98 13.92 13.60
CA VAL A 443 -31.14 12.48 13.71
C VAL A 443 -30.21 11.88 14.76
N LEU A 444 -29.48 12.72 15.48
CA LEU A 444 -28.50 12.25 16.46
C LEU A 444 -29.19 11.81 17.73
N VAL A 445 -28.57 10.83 18.40
CA VAL A 445 -29.07 10.33 19.68
C VAL A 445 -27.99 10.53 20.74
N ASP A 446 -26.98 9.65 20.73
CA ASP A 446 -25.90 9.74 21.69
C ASP A 446 -24.58 9.33 21.03
N GLU A 447 -23.47 9.92 21.46
CA GLU A 447 -22.16 9.50 20.97
C GLU A 447 -21.95 8.15 21.66
N ARG A 448 -21.45 7.16 20.95
CA ARG A 448 -21.31 5.80 21.46
C ARG A 448 -19.92 5.23 21.76
N LEU A 449 -18.98 5.32 20.83
CA LEU A 449 -17.66 4.71 21.04
C LEU A 449 -16.61 5.55 21.78
N PRO A 450 -16.33 6.76 21.32
CA PRO A 450 -15.34 7.53 22.08
C PRO A 450 -15.91 7.83 23.45
N GLY A 451 -17.11 8.39 23.49
CA GLY A 451 -17.75 8.70 24.73
C GLY A 451 -17.88 10.20 24.85
N ALA A 452 -19.09 10.69 25.14
CA ALA A 452 -19.31 12.12 25.28
C ALA A 452 -18.41 12.74 26.34
N GLU A 453 -18.20 11.99 27.42
CA GLU A 453 -17.39 12.47 28.54
C GLU A 453 -15.94 12.71 28.14
N VAL A 454 -15.46 12.07 27.05
CA VAL A 454 -14.12 12.27 26.56
C VAL A 454 -14.15 13.61 25.83
N GLU A 455 -13.60 14.65 26.44
CA GLU A 455 -13.65 15.99 25.85
C GLU A 455 -12.30 16.68 25.79
N SER A 456 -11.50 16.59 26.85
CA SER A 456 -10.21 17.26 26.86
C SER A 456 -9.27 16.64 25.83
N ASP A 457 -8.33 17.46 25.35
CA ASP A 457 -7.32 16.96 24.42
C ASP A 457 -6.66 15.70 24.96
N ALA A 458 -6.34 15.69 26.26
CA ALA A 458 -5.67 14.54 26.85
C ALA A 458 -6.60 13.33 26.95
N GLU A 459 -7.89 13.56 27.16
CA GLU A 459 -8.84 12.45 27.16
C GLU A 459 -9.00 11.86 25.76
N LEU A 460 -8.99 12.70 24.73
CA LEU A 460 -9.11 12.18 23.38
C LEU A 460 -7.84 11.47 22.95
N GLU A 461 -6.67 12.02 23.30
CA GLU A 461 -5.42 11.35 23.01
C GLU A 461 -5.41 9.95 23.62
N ARG A 462 -5.94 9.80 24.83
CA ARG A 462 -6.01 8.50 25.47
C ARG A 462 -6.83 7.53 24.63
N TYR A 463 -8.00 7.97 24.20
CA TYR A 463 -8.86 7.12 23.40
C TYR A 463 -8.18 6.73 22.09
N ILE A 464 -7.48 7.68 21.46
CA ILE A 464 -6.83 7.40 20.18
C ILE A 464 -5.70 6.40 20.35
N ARG A 465 -4.89 6.59 21.37
CA ARG A 465 -3.78 5.67 21.58
C ARG A 465 -4.28 4.26 21.86
N GLN A 466 -5.48 4.15 22.42
CA GLN A 466 -5.99 2.84 22.82
C GLN A 466 -6.80 2.16 21.72
N PHE A 467 -7.43 2.92 20.83
CA PHE A 467 -8.33 2.33 19.83
C PHE A 467 -7.88 2.58 18.40
N ALA A 468 -6.82 3.35 18.18
CA ALA A 468 -6.34 3.54 16.83
C ALA A 468 -5.92 2.20 16.24
N PHE A 469 -6.01 2.10 14.92
CA PHE A 469 -5.73 0.86 14.21
C PHE A 469 -5.09 1.17 12.88
N PRO A 470 -4.35 0.23 12.31
CA PRO A 470 -3.78 0.40 10.97
C PRO A 470 -4.75 -0.01 9.88
N MET A 471 -4.67 0.71 8.75
CA MET A 471 -5.62 0.49 7.66
C MET A 471 -5.11 -0.52 6.63
N TYR A 472 -3.94 -1.12 6.85
CA TYR A 472 -3.39 -2.16 5.97
C TYR A 472 -2.93 -1.57 4.65
N HIS A 473 -2.34 -0.38 4.70
CA HIS A 473 -1.79 0.31 3.52
C HIS A 473 -0.27 0.36 3.58
N VAL A 474 0.33 -0.73 4.06
CA VAL A 474 1.78 -0.76 4.27
C VAL A 474 2.50 -0.57 2.95
N SER A 475 3.50 0.32 2.95
CA SER A 475 4.21 0.63 1.71
C SER A 475 5.54 1.32 2.03
N CYS A 476 6.35 1.48 0.99
CA CYS A 476 7.46 2.42 0.97
C CYS A 476 8.76 1.88 1.55
N SER A 477 8.85 0.55 1.72
CA SER A 477 9.99 -0.09 2.35
C SER A 477 11.18 -0.32 1.41
N CYS A 478 11.00 -0.13 0.10
CA CYS A 478 12.08 -0.28 -0.88
C CYS A 478 12.09 0.94 -1.80
N ARG A 479 12.34 2.10 -1.20
CA ARG A 479 12.11 3.40 -1.83
C ARG A 479 12.79 3.53 -3.18
N MET A 480 12.01 3.96 -4.18
CA MET A 480 12.61 4.44 -5.42
C MET A 480 12.97 5.91 -5.26
N GLY A 481 14.02 6.32 -5.98
CA GLY A 481 14.48 7.70 -5.92
C GLY A 481 15.66 7.88 -6.85
N SER A 482 16.17 9.12 -6.87
CA SER A 482 17.32 9.50 -7.68
C SER A 482 18.61 9.60 -6.89
N ASP A 483 18.54 9.64 -5.57
CA ASP A 483 19.71 9.69 -4.72
C ASP A 483 20.35 8.30 -4.64
N PRO A 484 21.66 8.23 -4.38
CA PRO A 484 22.34 6.92 -4.42
C PRO A 484 21.99 6.02 -3.25
N ALA A 485 21.31 6.53 -2.22
CA ALA A 485 20.88 5.74 -1.08
C ALA A 485 19.56 5.01 -1.32
N SER A 486 18.85 5.35 -2.39
CA SER A 486 17.55 4.73 -2.64
C SER A 486 17.73 3.27 -3.01
N VAL A 487 16.69 2.48 -2.76
CA VAL A 487 16.78 1.04 -3.02
C VAL A 487 16.72 0.76 -4.51
N VAL A 488 15.81 1.42 -5.22
CA VAL A 488 15.73 1.31 -6.67
C VAL A 488 15.77 2.71 -7.27
N ASP A 489 16.23 2.79 -8.51
CA ASP A 489 16.21 4.03 -9.26
C ASP A 489 14.79 4.25 -9.80
N PRO A 490 14.54 5.39 -10.45
CA PRO A 490 13.17 5.64 -10.96
C PRO A 490 12.73 4.67 -12.03
N GLU A 491 13.66 3.93 -12.63
CA GLU A 491 13.32 2.87 -13.57
C GLU A 491 13.08 1.53 -12.87
N LEU A 492 13.04 1.53 -11.54
CA LEU A 492 12.74 0.39 -10.67
C LEU A 492 13.84 -0.66 -10.62
N ARG A 493 15.04 -0.35 -11.11
CA ARG A 493 16.18 -1.25 -10.98
C ARG A 493 16.78 -1.12 -9.59
N VAL A 494 17.02 -2.25 -8.94
CA VAL A 494 17.72 -2.25 -7.66
C VAL A 494 19.14 -1.75 -7.88
N ARG A 495 19.52 -0.71 -7.14
CA ARG A 495 20.89 -0.21 -7.26
C ARG A 495 21.87 -1.29 -6.80
N GLY A 496 22.96 -1.42 -7.55
CA GLY A 496 23.99 -2.39 -7.24
C GLY A 496 23.86 -3.72 -7.94
N VAL A 497 22.76 -3.97 -8.65
CA VAL A 497 22.52 -5.27 -9.27
C VAL A 497 21.84 -5.07 -10.62
N SER A 498 22.18 -5.91 -11.59
CA SER A 498 21.53 -5.90 -12.89
C SER A 498 20.47 -7.00 -12.98
N GLY A 499 19.52 -6.78 -13.88
CA GLY A 499 18.42 -7.71 -14.07
C GLY A 499 17.59 -7.96 -12.83
N LEU A 500 17.47 -6.96 -11.96
CA LEU A 500 16.68 -7.10 -10.74
C LEU A 500 15.84 -5.85 -10.58
N TRP A 501 14.52 -6.02 -10.48
CA TRP A 501 13.61 -4.93 -10.27
C TRP A 501 12.76 -5.20 -9.03
N VAL A 502 12.21 -4.12 -8.48
CA VAL A 502 11.18 -4.19 -7.46
C VAL A 502 9.96 -3.47 -8.02
N VAL A 503 8.85 -4.18 -8.15
CA VAL A 503 7.63 -3.63 -8.73
C VAL A 503 6.48 -4.00 -7.79
N ASP A 504 6.20 -3.14 -6.83
CA ASP A 504 5.08 -3.31 -5.89
C ASP A 504 5.02 -2.05 -5.02
N ALA A 505 4.12 -2.08 -4.03
CA ALA A 505 3.91 -0.91 -3.18
C ALA A 505 5.15 -0.51 -2.37
N SER A 506 6.15 -1.40 -2.25
CA SER A 506 7.34 -1.05 -1.48
C SER A 506 8.13 0.09 -2.11
N VAL A 507 7.97 0.33 -3.42
CA VAL A 507 8.80 1.36 -4.05
C VAL A 507 8.25 2.76 -3.85
N MET A 508 7.03 2.91 -3.36
CA MET A 508 6.47 4.23 -3.17
C MET A 508 7.38 5.07 -2.27
N PRO A 509 7.73 6.29 -2.68
CA PRO A 509 8.49 7.15 -1.76
C PRO A 509 7.68 7.59 -0.56
N THR A 510 6.40 7.91 -0.75
CA THR A 510 5.50 8.27 0.32
C THR A 510 4.18 7.55 0.12
N LEU A 511 3.49 7.32 1.22
CA LEU A 511 2.18 6.69 1.17
C LEU A 511 1.16 7.73 0.70
N PRO A 512 0.48 7.50 -0.41
CA PRO A 512 -0.57 8.46 -0.82
C PRO A 512 -1.72 8.47 0.16
N ALA A 513 -2.49 9.55 0.11
CA ALA A 513 -3.64 9.68 0.98
C ALA A 513 -4.70 8.61 0.70
N GLY A 514 -4.74 8.08 -0.52
CA GLY A 514 -5.73 7.06 -0.81
C GLY A 514 -5.38 6.26 -2.04
N ASN A 515 -6.33 5.38 -2.42
CA ASN A 515 -6.20 4.53 -3.63
C ASN A 515 -4.91 3.72 -3.59
N ILE A 516 -4.62 3.03 -2.47
CA ILE A 516 -3.37 2.29 -2.35
C ILE A 516 -3.34 1.11 -3.32
N ASN A 517 -4.38 0.27 -3.32
CA ASN A 517 -4.37 -0.91 -4.17
C ASN A 517 -4.31 -0.50 -5.64
N ALA A 518 -5.08 0.52 -6.02
CA ALA A 518 -5.00 1.04 -7.39
C ALA A 518 -3.62 1.59 -7.69
N SER A 519 -2.96 2.22 -6.71
CA SER A 519 -1.61 2.72 -6.95
C SER A 519 -0.65 1.56 -7.18
N ALA A 520 -0.82 0.45 -6.46
CA ALA A 520 0.05 -0.71 -6.64
C ALA A 520 -0.16 -1.34 -8.01
N ILE A 521 -1.42 -1.47 -8.43
CA ILE A 521 -1.70 -1.92 -9.79
C ILE A 521 -1.06 -0.98 -10.79
N MET A 522 -1.16 0.33 -10.55
CA MET A 522 -0.58 1.28 -11.50
C MET A 522 0.92 1.09 -11.59
N ILE A 523 1.58 0.84 -10.45
CA ILE A 523 3.02 0.59 -10.43
C ILE A 523 3.36 -0.63 -11.27
N GLY A 524 2.57 -1.70 -11.15
CA GLY A 524 2.77 -2.84 -12.02
C GLY A 524 2.63 -2.49 -13.50
N GLU A 525 1.63 -1.67 -13.83
CA GLU A 525 1.43 -1.25 -15.22
C GLU A 525 2.64 -0.47 -15.73
N ARG A 526 3.08 0.55 -14.99
CA ARG A 526 4.19 1.36 -15.47
C ARG A 526 5.51 0.61 -15.36
N GLY A 527 5.66 -0.21 -14.32
CA GLY A 527 6.86 -1.02 -14.19
C GLY A 527 7.04 -2.00 -15.34
N ALA A 528 5.94 -2.59 -15.80
CA ALA A 528 6.04 -3.51 -16.93
C ALA A 528 6.52 -2.76 -18.19
N ASP A 529 5.99 -1.56 -18.43
CA ASP A 529 6.48 -0.75 -19.54
C ASP A 529 7.98 -0.44 -19.40
N LEU A 530 8.41 -0.10 -18.18
CA LEU A 530 9.82 0.22 -17.97
C LEU A 530 10.71 -0.97 -18.25
N ILE A 531 10.29 -2.16 -17.80
CA ILE A 531 11.08 -3.37 -18.04
C ILE A 531 11.11 -3.68 -19.54
N LYS A 532 9.97 -3.52 -20.21
CA LYS A 532 9.94 -3.74 -21.65
C LYS A 532 10.83 -2.74 -22.38
N GLN A 533 10.89 -1.50 -21.89
CA GLN A 533 11.76 -0.51 -22.53
C GLN A 533 13.21 -0.88 -22.35
N GLN A 534 13.60 -1.29 -21.14
CA GLN A 534 14.99 -1.64 -20.88
C GLN A 534 15.43 -2.84 -21.70
N ALA A 535 14.49 -3.71 -22.10
CA ALA A 535 14.85 -4.90 -22.88
C ALA A 535 15.16 -4.58 -24.34
N LYS A 536 14.77 -3.40 -24.83
CA LYS A 536 15.08 -3.01 -26.21
C LYS A 536 16.55 -2.63 -26.38
N THR A 537 17.22 -2.26 -25.30
CA THR A 537 18.58 -1.74 -25.32
C THR A 537 19.42 -2.52 -24.32
N PRO A 538 20.74 -2.57 -24.52
CA PRO A 538 21.59 -3.23 -23.53
C PRO A 538 21.62 -2.48 -22.21
N GLU A 539 21.84 -3.23 -21.13
CA GLU A 539 21.73 -2.71 -19.78
C GLU A 539 22.65 -1.53 -19.50
#